data_5QQE
#
_entry.id   5QQE
#
_cell.length_a   62.807
_cell.length_b   62.807
_cell.length_c   342.646
_cell.angle_alpha   90.000
_cell.angle_beta   90.000
_cell.angle_gamma   120.000
#
_symmetry.space_group_name_H-M   'P 65 2 2'
#
loop_
_entity.id
_entity.type
_entity.pdbx_description
1 polymer 'Ras-related C3 botulinum toxin substrate 1'
2 polymer Kalirin
3 non-polymer 1,2-ETHANEDIOL
4 non-polymer "N-(5-methyl-1,2-oxazol-3-yl)-N'-[(3S)-4,4,4-trifluoro-3-hydroxy-3-(5-methylfuran-2-yl)butyl]urea"
5 water water
#
loop_
_entity_poly.entity_id
_entity_poly.type
_entity_poly.pdbx_seq_one_letter_code
_entity_poly.pdbx_strand_id
1 'polypeptide(L)'
;SMQAIKCVVVGDGAVGKTCLLISYTTNAFPGEYIPTVFDNYSANVMVDGKPVNLGLWDTAGQEDYDRLRPLSYPQTDVFL
ICFSLVSPASFENVRAKWYPEVRHHCPNTPIILVGTKLDLRDDKDTIEKLKEKKLTPITYPQGLAMAKEIGAVKYLECSA
LTQRGLKTVFDEAIRAVL
;
A
2 'polypeptide(L)'
;SMRKKEFIMAELLQTEKAYVRDLHECLETYLWEMTSGVEEIPPGILNKEHIIFGNIQEIYDFHNNIFLKELEKYEQLPED
VGHCFVTWADKFQMYVTYCKNKPDSNQLILEHAGTFFDEIQQRHGLANSISSYLIKPVQRVTKYQLLLKELLTCCEEGKG
ELKDGLEVMLSVPKKANDAMHV
;
B
#
loop_
_chem_comp.id
_chem_comp.type
_chem_comp.name
_chem_comp.formula
EDO non-polymer 1,2-ETHANEDIOL 'C2 H6 O2'
N5S non-polymer N-(5-methyl-1,2-oxazol-3-yl)-N'-[(3S)-4,4,4-trifluoro-3-hydroxy-3-(5-methylfuran-2-yl)butyl]urea 'C14 H16 F3 N3 O4'
#
# COMPACT_ATOMS: atom_id res chain seq x y z
N MET A 2 15.30 -6.58 -18.75
CA MET A 2 14.90 -7.63 -17.76
C MET A 2 13.46 -7.37 -17.27
N GLN A 3 12.59 -8.37 -17.40
CA GLN A 3 11.13 -8.27 -17.13
C GLN A 3 10.89 -7.71 -15.72
N ALA A 4 10.12 -6.62 -15.63
CA ALA A 4 9.61 -6.02 -14.38
C ALA A 4 8.17 -6.48 -14.14
N ILE A 5 7.76 -6.63 -12.88
CA ILE A 5 6.39 -7.13 -12.53
C ILE A 5 5.81 -6.29 -11.38
N LYS A 6 4.73 -5.56 -11.66
CA LYS A 6 3.92 -4.87 -10.63
C LYS A 6 2.94 -5.91 -10.05
N CYS A 7 3.13 -6.31 -8.79
CA CYS A 7 2.20 -7.19 -8.02
C CYS A 7 1.56 -6.39 -6.87
N VAL A 8 0.24 -6.25 -6.89
CA VAL A 8 -0.55 -5.49 -5.87
C VAL A 8 -1.26 -6.48 -4.96
N VAL A 9 -1.16 -6.28 -3.64
CA VAL A 9 -1.72 -7.18 -2.60
C VAL A 9 -2.95 -6.50 -2.03
N VAL A 10 -4.12 -7.15 -2.16
CA VAL A 10 -5.45 -6.62 -1.76
C VAL A 10 -6.10 -7.62 -0.80
N GLY A 11 -7.15 -7.18 -0.10
CA GLY A 11 -7.91 -7.98 0.88
C GLY A 11 -8.11 -7.23 2.18
N ASP A 12 -8.90 -7.81 3.10
CA ASP A 12 -9.32 -7.14 4.36
C ASP A 12 -8.10 -6.85 5.24
N GLY A 13 -8.20 -5.90 6.16
CA GLY A 13 -7.20 -5.70 7.22
C GLY A 13 -6.84 -7.03 7.91
N ALA A 14 -7.83 -7.87 8.21
CA ALA A 14 -7.65 -9.18 8.88
C ALA A 14 -6.67 -10.12 8.15
N VAL A 15 -6.34 -9.95 6.87
CA VAL A 15 -5.42 -10.90 6.17
C VAL A 15 -4.00 -10.75 6.70
N GLY A 16 -3.60 -9.55 7.18
CA GLY A 16 -2.21 -9.23 7.58
C GLY A 16 -1.33 -8.94 6.36
N LYS A 17 -1.85 -8.15 5.42
CA LYS A 17 -1.15 -7.79 4.16
C LYS A 17 0.26 -7.31 4.48
N THR A 18 0.39 -6.32 5.38
CA THR A 18 1.70 -5.68 5.66
C THR A 18 2.65 -6.73 6.21
N CYS A 19 2.19 -7.48 7.20
CA CYS A 19 2.95 -8.56 7.84
C CYS A 19 3.39 -9.61 6.80
N LEU A 20 2.48 -10.06 5.92
CA LEU A 20 2.78 -11.02 4.82
C LEU A 20 3.99 -10.55 4.02
N LEU A 21 3.95 -9.30 3.57
CA LEU A 21 4.97 -8.72 2.67
C LEU A 21 6.28 -8.55 3.42
N ILE A 22 6.20 -8.14 4.68
CA ILE A 22 7.41 -7.87 5.50
C ILE A 22 8.08 -9.22 5.73
N SER A 23 7.27 -10.23 6.04
CA SER A 23 7.82 -11.57 6.37
C SER A 23 8.37 -12.20 5.09
N TYR A 24 7.73 -11.97 3.96
CA TYR A 24 8.28 -12.46 2.68
C TYR A 24 9.64 -11.80 2.40
N THR A 25 9.74 -10.47 2.48
CA THR A 25 10.90 -9.71 1.96
C THR A 25 12.07 -9.78 2.94
N THR A 26 11.80 -9.81 4.24
CA THR A 26 12.85 -9.95 5.28
C THR A 26 13.25 -11.40 5.51
N ASN A 27 12.46 -12.37 5.00
CA ASN A 27 12.59 -13.84 5.21
C ASN A 27 12.25 -14.27 6.66
N ALA A 28 11.58 -13.43 7.44
CA ALA A 28 11.28 -13.68 8.87
C ALA A 28 9.99 -12.98 9.27
N PHE A 29 9.14 -13.66 10.04
CA PHE A 29 8.04 -13.05 10.81
C PHE A 29 8.65 -11.96 11.70
N PRO A 30 8.07 -10.74 11.70
CA PRO A 30 8.71 -9.62 12.40
C PRO A 30 8.53 -9.66 13.93
N GLY A 31 7.50 -10.37 14.42
CA GLY A 31 7.46 -10.95 15.79
C GLY A 31 7.48 -9.89 16.85
N GLU A 32 8.66 -9.32 17.13
CA GLU A 32 8.89 -8.21 18.09
C GLU A 32 7.81 -7.12 17.87
N TYR A 33 7.89 -6.40 16.76
CA TYR A 33 6.95 -5.30 16.42
C TYR A 33 6.50 -5.59 14.99
N ILE A 34 5.19 -5.60 14.72
CA ILE A 34 4.64 -5.69 13.34
C ILE A 34 4.50 -4.27 12.78
N PRO A 35 5.41 -3.83 11.88
CA PRO A 35 5.34 -2.48 11.31
C PRO A 35 4.05 -2.31 10.52
N THR A 36 3.48 -1.09 10.56
CA THR A 36 2.27 -0.78 9.77
C THR A 36 2.69 -0.39 8.34
N VAL A 37 3.96 -0.05 8.10
CA VAL A 37 4.37 0.53 6.79
C VAL A 37 5.30 -0.45 6.06
N PHE A 38 4.85 -0.85 4.88
CA PHE A 38 5.64 -1.49 3.82
C PHE A 38 5.59 -0.59 2.57
N ASP A 39 6.69 0.11 2.27
CA ASP A 39 6.79 0.99 1.08
C ASP A 39 7.01 0.12 -0.17
N ASN A 40 6.57 0.62 -1.32
CA ASN A 40 6.64 -0.11 -2.60
C ASN A 40 8.04 -0.69 -2.69
N TYR A 41 8.16 -1.97 -3.03
CA TYR A 41 9.41 -2.75 -2.98
C TYR A 41 9.70 -3.24 -4.40
N SER A 42 10.95 -3.49 -4.72
CA SER A 42 11.33 -4.29 -5.90
C SER A 42 12.61 -5.04 -5.58
N ALA A 43 12.72 -6.27 -6.07
CA ALA A 43 13.96 -7.06 -6.01
C ALA A 43 13.99 -8.03 -7.19
N ASN A 44 15.20 -8.40 -7.61
CA ASN A 44 15.48 -9.43 -8.63
C ASN A 44 15.24 -10.80 -7.99
N VAL A 45 14.40 -11.64 -8.60
CA VAL A 45 14.29 -13.09 -8.25
C VAL A 45 14.36 -13.92 -9.54
N MET A 46 15.19 -14.97 -9.54
CA MET A 46 15.25 -15.98 -10.63
C MET A 46 14.08 -16.94 -10.38
N VAL A 47 13.22 -17.08 -11.38
CA VAL A 47 12.10 -18.06 -11.39
C VAL A 47 12.21 -18.84 -12.70
N ASP A 48 12.09 -20.17 -12.61
CA ASP A 48 12.14 -21.09 -13.77
C ASP A 48 13.40 -20.76 -14.57
N GLY A 49 14.48 -20.43 -13.85
CA GLY A 49 15.76 -19.97 -14.41
C GLY A 49 15.76 -18.47 -14.66
N LYS A 50 15.01 -18.03 -15.68
CA LYS A 50 14.91 -16.63 -16.18
C LYS A 50 14.68 -15.67 -15.02
N PRO A 51 15.71 -14.87 -14.61
CA PRO A 51 15.55 -13.85 -13.58
C PRO A 51 14.53 -12.76 -13.93
N VAL A 52 13.94 -12.14 -12.89
CA VAL A 52 12.79 -11.20 -13.00
C VAL A 52 12.90 -10.13 -11.90
N ASN A 53 12.48 -8.90 -12.18
CA ASN A 53 12.38 -7.82 -11.17
C ASN A 53 10.97 -7.79 -10.61
N LEU A 54 10.81 -8.18 -9.35
CA LEU A 54 9.48 -8.28 -8.71
C LEU A 54 9.18 -6.99 -7.95
N GLY A 55 8.07 -6.33 -8.28
CA GLY A 55 7.58 -5.12 -7.60
C GLY A 55 6.38 -5.45 -6.73
N LEU A 56 6.41 -5.02 -5.47
CA LEU A 56 5.34 -5.35 -4.50
C LEU A 56 4.76 -4.07 -3.92
N TRP A 57 3.46 -3.86 -4.09
CA TRP A 57 2.74 -2.72 -3.46
C TRP A 57 1.80 -3.28 -2.38
N ASP A 58 1.86 -2.72 -1.18
CA ASP A 58 0.88 -2.93 -0.08
C ASP A 58 -0.31 -2.02 -0.38
N THR A 59 -1.47 -2.33 0.18
CA THR A 59 -2.71 -1.50 0.09
C THR A 59 -3.31 -1.27 1.49
N ALA A 60 -2.60 -1.68 2.54
CA ALA A 60 -3.07 -1.55 3.94
C ALA A 60 -3.29 -0.07 4.25
N GLY A 61 -4.45 0.23 4.82
CA GLY A 61 -4.87 1.59 5.18
C GLY A 61 -5.93 2.10 4.23
N GLN A 62 -6.10 1.45 3.09
CA GLN A 62 -7.04 1.96 2.04
C GLN A 62 -8.36 1.20 2.11
N GLU A 63 -8.50 0.30 3.08
CA GLU A 63 -9.62 -0.68 3.18
C GLU A 63 -10.97 0.03 3.21
N ASP A 64 -11.06 1.28 3.70
CA ASP A 64 -12.36 1.99 3.76
C ASP A 64 -12.53 3.02 2.64
N TYR A 65 -11.61 3.12 1.68
CA TYR A 65 -11.62 4.23 0.69
C TYR A 65 -11.77 3.61 -0.71
N ASP A 66 -13.02 3.34 -1.07
CA ASP A 66 -13.41 2.55 -2.27
C ASP A 66 -12.88 3.24 -3.53
N ARG A 67 -12.79 4.56 -3.55
CA ARG A 67 -12.35 5.32 -4.76
C ARG A 67 -10.85 5.60 -4.75
N LEU A 68 -10.16 5.45 -3.61
CA LEU A 68 -8.68 5.59 -3.53
C LEU A 68 -8.00 4.28 -3.90
N ARG A 69 -8.63 3.15 -3.61
CA ARG A 69 -7.98 1.82 -3.78
C ARG A 69 -7.60 1.60 -5.24
N PRO A 70 -8.50 1.91 -6.20
CA PRO A 70 -8.22 1.64 -7.61
C PRO A 70 -7.09 2.52 -8.17
N LEU A 71 -6.71 3.62 -7.50
CA LEU A 71 -5.55 4.43 -7.95
C LEU A 71 -4.31 3.55 -8.08
N SER A 72 -4.21 2.49 -7.28
CA SER A 72 -3.07 1.54 -7.34
C SER A 72 -3.26 0.50 -8.46
N TYR A 73 -4.45 0.32 -9.02
CA TYR A 73 -4.76 -0.89 -9.83
C TYR A 73 -4.21 -0.82 -11.25
N PRO A 74 -4.33 0.33 -11.98
CA PRO A 74 -3.83 0.38 -13.35
C PRO A 74 -2.39 -0.16 -13.52
N GLN A 75 -2.18 -0.92 -14.59
CA GLN A 75 -0.87 -1.40 -15.09
C GLN A 75 -0.28 -2.46 -14.13
N THR A 76 -1.08 -2.97 -13.21
CA THR A 76 -0.72 -4.14 -12.39
C THR A 76 -0.61 -5.37 -13.30
N ASP A 77 0.44 -6.15 -13.15
CA ASP A 77 0.71 -7.41 -13.88
C ASP A 77 0.03 -8.62 -13.23
N VAL A 78 -0.08 -8.64 -11.90
CA VAL A 78 -0.72 -9.76 -11.15
C VAL A 78 -1.19 -9.28 -9.78
N PHE A 79 -2.37 -9.74 -9.39
CA PHE A 79 -2.95 -9.45 -8.06
C PHE A 79 -2.87 -10.69 -7.17
N LEU A 80 -2.49 -10.49 -5.92
CA LEU A 80 -2.82 -11.39 -4.79
C LEU A 80 -4.12 -10.88 -4.19
N ILE A 81 -5.22 -11.62 -4.36
CA ILE A 81 -6.45 -11.38 -3.57
C ILE A 81 -6.36 -12.30 -2.35
N CYS A 82 -6.33 -11.70 -1.17
CA CYS A 82 -6.03 -12.38 0.12
C CYS A 82 -7.26 -12.34 1.03
N PHE A 83 -7.43 -13.42 1.78
CA PHE A 83 -8.31 -13.50 2.98
C PHE A 83 -7.51 -14.24 4.07
N SER A 84 -7.90 -14.05 5.31
CA SER A 84 -7.38 -14.84 6.46
C SER A 84 -8.18 -16.14 6.55
N LEU A 85 -7.50 -17.28 6.56
CA LEU A 85 -8.11 -18.65 6.73
C LEU A 85 -8.89 -18.77 8.04
N VAL A 86 -8.73 -17.84 8.99
CA VAL A 86 -9.45 -17.86 10.29
C VAL A 86 -10.38 -16.64 10.39
N SER A 87 -10.76 -16.06 9.23
CA SER A 87 -11.83 -15.02 9.14
C SER A 87 -12.73 -15.37 7.96
N PRO A 88 -13.83 -16.09 8.24
CA PRO A 88 -14.87 -16.28 7.24
C PRO A 88 -15.33 -14.99 6.53
N ALA A 89 -15.50 -13.89 7.28
CA ALA A 89 -15.86 -12.56 6.73
C ALA A 89 -14.85 -12.11 5.67
N SER A 90 -13.55 -12.23 5.94
CA SER A 90 -12.49 -11.83 4.99
C SER A 90 -12.62 -12.68 3.74
N PHE A 91 -12.99 -13.96 3.90
CA PHE A 91 -13.12 -14.91 2.78
C PHE A 91 -14.33 -14.51 1.92
N GLU A 92 -15.47 -14.21 2.55
CA GLU A 92 -16.68 -13.74 1.83
C GLU A 92 -16.39 -12.41 1.10
N ASN A 93 -15.53 -11.57 1.67
CA ASN A 93 -15.21 -10.23 1.09
C ASN A 93 -14.42 -10.40 -0.19
N VAL A 94 -13.76 -11.55 -0.40
CA VAL A 94 -13.11 -11.88 -1.68
C VAL A 94 -14.19 -11.75 -2.76
N ARG A 95 -15.36 -12.29 -2.43
CA ARG A 95 -16.50 -12.39 -3.37
C ARG A 95 -17.23 -11.05 -3.42
N ALA A 96 -17.48 -10.44 -2.26
CA ALA A 96 -18.34 -9.24 -2.12
C ALA A 96 -17.63 -7.97 -2.61
N LYS A 97 -16.30 -7.91 -2.51
CA LYS A 97 -15.56 -6.63 -2.46
C LYS A 97 -14.34 -6.68 -3.38
N TRP A 98 -13.43 -7.64 -3.17
CA TRP A 98 -12.07 -7.59 -3.76
C TRP A 98 -12.13 -7.92 -5.24
N TYR A 99 -12.66 -9.09 -5.59
CA TYR A 99 -12.71 -9.59 -6.98
C TYR A 99 -13.46 -8.60 -7.88
N PRO A 100 -14.67 -8.12 -7.50
CA PRO A 100 -15.39 -7.18 -8.35
C PRO A 100 -14.55 -5.96 -8.77
N GLU A 101 -14.00 -5.25 -7.78
CA GLU A 101 -13.30 -3.96 -8.05
C GLU A 101 -12.03 -4.31 -8.85
N VAL A 102 -11.43 -5.47 -8.63
CA VAL A 102 -10.22 -5.86 -9.38
C VAL A 102 -10.62 -6.15 -10.82
N ARG A 103 -11.75 -6.84 -11.03
CA ARG A 103 -12.22 -7.15 -12.40
C ARG A 103 -12.63 -5.85 -13.07
N HIS A 104 -13.42 -5.03 -12.39
CA HIS A 104 -13.91 -3.75 -12.96
C HIS A 104 -12.74 -2.99 -13.59
N HIS A 105 -11.61 -2.86 -12.88
CA HIS A 105 -10.48 -1.97 -13.25
C HIS A 105 -9.46 -2.75 -14.09
N CYS A 106 -9.31 -4.05 -13.87
CA CYS A 106 -8.24 -4.83 -14.53
C CYS A 106 -8.80 -6.17 -15.02
N PRO A 107 -9.64 -6.15 -16.08
CA PRO A 107 -10.39 -7.34 -16.46
C PRO A 107 -9.52 -8.52 -16.89
N ASN A 108 -8.32 -8.29 -17.44
CA ASN A 108 -7.49 -9.38 -18.01
C ASN A 108 -6.25 -9.67 -17.15
N THR A 109 -6.24 -9.28 -15.88
CA THR A 109 -5.02 -9.41 -15.04
C THR A 109 -5.15 -10.70 -14.24
N PRO A 110 -4.11 -11.53 -14.19
CA PRO A 110 -4.11 -12.73 -13.37
C PRO A 110 -4.27 -12.44 -11.87
N ILE A 111 -5.11 -13.25 -11.20
CA ILE A 111 -5.36 -13.28 -9.74
C ILE A 111 -4.79 -14.59 -9.18
N ILE A 112 -4.05 -14.48 -8.09
CA ILE A 112 -3.74 -15.61 -7.17
C ILE A 112 -4.59 -15.43 -5.91
N LEU A 113 -5.36 -16.46 -5.56
CA LEU A 113 -6.17 -16.47 -4.31
C LEU A 113 -5.24 -16.96 -3.20
N VAL A 114 -5.04 -16.15 -2.17
CA VAL A 114 -4.07 -16.46 -1.08
C VAL A 114 -4.82 -16.52 0.24
N GLY A 115 -4.77 -17.68 0.90
CA GLY A 115 -5.20 -17.86 2.31
C GLY A 115 -4.03 -17.62 3.25
N THR A 116 -4.10 -16.59 4.11
CA THR A 116 -3.06 -16.26 5.11
C THR A 116 -3.48 -16.85 6.46
N LYS A 117 -2.54 -16.91 7.40
CA LYS A 117 -2.75 -17.32 8.80
C LYS A 117 -3.08 -18.81 8.85
N LEU A 118 -2.46 -19.56 7.96
CA LEU A 118 -2.52 -21.04 7.90
C LEU A 118 -2.18 -21.61 9.28
N ASP A 119 -1.18 -21.04 9.96
CA ASP A 119 -0.73 -21.49 11.32
C ASP A 119 -1.87 -21.40 12.32
N LEU A 120 -2.89 -20.55 12.14
CA LEU A 120 -4.00 -20.39 13.12
C LEU A 120 -5.18 -21.34 12.83
N ARG A 121 -5.24 -21.99 11.67
CA ARG A 121 -6.43 -22.81 11.30
C ARG A 121 -6.59 -23.99 12.29
N ASP A 122 -5.48 -24.55 12.78
CA ASP A 122 -5.42 -25.67 13.76
C ASP A 122 -5.13 -25.17 15.18
N ASP A 123 -5.49 -23.94 15.55
CA ASP A 123 -5.14 -23.36 16.87
C ASP A 123 -6.38 -23.35 17.76
N LYS A 124 -6.29 -23.98 18.94
CA LYS A 124 -7.44 -24.24 19.86
C LYS A 124 -8.19 -22.93 20.13
N ASP A 125 -7.48 -21.90 20.58
CA ASP A 125 -8.09 -20.62 21.01
C ASP A 125 -8.79 -19.94 19.82
N THR A 126 -8.15 -19.93 18.64
CA THR A 126 -8.71 -19.39 17.37
C THR A 126 -9.99 -20.16 17.00
N ILE A 127 -9.88 -21.49 16.94
CA ILE A 127 -11.03 -22.39 16.62
C ILE A 127 -12.18 -22.10 17.60
N GLU A 128 -11.88 -22.03 18.90
CA GLU A 128 -12.87 -21.80 19.99
C GLU A 128 -13.54 -20.42 19.81
N LYS A 129 -12.75 -19.38 19.54
CA LYS A 129 -13.27 -17.98 19.47
C LYS A 129 -14.24 -17.90 18.27
N LEU A 130 -13.95 -18.64 17.20
CA LEU A 130 -14.84 -18.78 16.01
C LEU A 130 -16.09 -19.60 16.38
N LYS A 131 -15.94 -20.71 17.12
CA LYS A 131 -17.06 -21.63 17.47
C LYS A 131 -18.12 -20.83 18.23
N GLU A 132 -17.69 -19.92 19.11
CA GLU A 132 -18.58 -19.02 19.90
C GLU A 132 -19.43 -18.13 18.98
N LYS A 133 -19.03 -17.90 17.72
CA LYS A 133 -19.81 -17.04 16.77
C LYS A 133 -20.48 -17.94 15.72
N LYS A 134 -20.55 -19.25 15.99
CA LYS A 134 -21.10 -20.30 15.08
C LYS A 134 -20.37 -20.24 13.73
N LEU A 135 -19.02 -20.24 13.77
CA LEU A 135 -18.16 -20.27 12.56
C LEU A 135 -17.08 -21.36 12.71
N THR A 136 -16.39 -21.67 11.60
CA THR A 136 -15.18 -22.53 11.56
C THR A 136 -14.15 -21.87 10.65
N PRO A 137 -12.85 -22.22 10.76
CA PRO A 137 -11.86 -21.76 9.80
C PRO A 137 -12.28 -22.20 8.39
N ILE A 138 -11.66 -21.56 7.40
CA ILE A 138 -11.84 -21.86 5.95
C ILE A 138 -10.89 -23.00 5.61
N THR A 139 -11.45 -24.07 5.04
CA THR A 139 -10.69 -25.28 4.66
C THR A 139 -10.37 -25.22 3.17
N TYR A 140 -9.47 -26.10 2.76
CA TYR A 140 -8.87 -26.16 1.43
C TYR A 140 -9.93 -26.14 0.32
N PRO A 141 -10.92 -27.04 0.29
CA PRO A 141 -11.89 -27.05 -0.81
C PRO A 141 -12.70 -25.76 -0.92
N GLN A 142 -12.91 -25.04 0.19
CA GLN A 142 -13.52 -23.69 0.15
C GLN A 142 -12.64 -22.74 -0.69
N GLY A 143 -11.31 -22.77 -0.49
CA GLY A 143 -10.35 -21.99 -1.28
C GLY A 143 -10.50 -22.35 -2.75
N LEU A 144 -10.38 -23.62 -3.07
CA LEU A 144 -10.48 -24.14 -4.45
C LEU A 144 -11.77 -23.63 -5.10
N ALA A 145 -12.88 -23.73 -4.40
CA ALA A 145 -14.21 -23.41 -4.97
C ALA A 145 -14.23 -21.91 -5.28
N MET A 146 -13.71 -21.07 -4.36
CA MET A 146 -13.66 -19.60 -4.52
C MET A 146 -12.70 -19.20 -5.65
N ALA A 147 -11.49 -19.76 -5.67
CA ALA A 147 -10.52 -19.60 -6.78
C ALA A 147 -11.27 -19.78 -8.11
N LYS A 148 -11.81 -20.97 -8.37
CA LYS A 148 -12.62 -21.27 -9.59
C LYS A 148 -13.62 -20.14 -9.85
N GLU A 149 -14.52 -19.86 -8.90
CA GLU A 149 -15.56 -18.83 -9.07
C GLU A 149 -14.99 -17.49 -9.59
N ILE A 150 -13.81 -17.04 -9.13
CA ILE A 150 -13.29 -15.66 -9.46
C ILE A 150 -12.34 -15.72 -10.65
N GLY A 151 -12.00 -16.92 -11.13
CA GLY A 151 -11.04 -17.13 -12.21
C GLY A 151 -9.61 -17.01 -11.73
N ALA A 152 -9.35 -17.26 -10.45
CA ALA A 152 -7.98 -17.27 -9.91
C ALA A 152 -7.19 -18.32 -10.67
N VAL A 153 -5.93 -18.07 -10.97
CA VAL A 153 -5.10 -19.05 -11.72
C VAL A 153 -4.66 -20.10 -10.71
N LYS A 154 -4.49 -19.72 -9.45
CA LYS A 154 -4.03 -20.62 -8.37
C LYS A 154 -4.75 -20.24 -7.08
N TYR A 155 -4.99 -21.24 -6.24
CA TYR A 155 -5.34 -21.05 -4.82
C TYR A 155 -4.15 -21.52 -3.98
N LEU A 156 -3.66 -20.64 -3.09
CA LEU A 156 -2.47 -20.98 -2.25
C LEU A 156 -2.76 -20.56 -0.81
N GLU A 157 -2.23 -21.33 0.12
CA GLU A 157 -2.37 -21.13 1.58
C GLU A 157 -0.95 -20.91 2.11
N CYS A 158 -0.74 -19.92 2.96
CA CYS A 158 0.60 -19.66 3.55
C CYS A 158 0.45 -19.16 4.99
N SER A 159 1.53 -19.23 5.75
CA SER A 159 1.71 -18.52 7.04
C SER A 159 2.94 -17.58 6.95
N ALA A 160 2.78 -16.28 7.23
CA ALA A 160 3.90 -15.36 7.53
C ALA A 160 4.70 -15.86 8.75
N LEU A 161 4.03 -16.44 9.75
CA LEU A 161 4.63 -16.83 11.06
C LEU A 161 5.67 -17.95 10.83
N THR A 162 5.27 -19.04 10.19
CA THR A 162 6.12 -20.23 9.99
C THR A 162 6.82 -20.19 8.64
N GLN A 163 6.37 -19.32 7.72
CA GLN A 163 6.88 -19.17 6.32
C GLN A 163 6.38 -20.33 5.44
N ARG A 164 5.48 -21.18 5.96
CA ARG A 164 4.93 -22.32 5.17
C ARG A 164 4.15 -21.73 3.99
N GLY A 165 4.51 -22.14 2.77
CA GLY A 165 3.87 -21.75 1.51
C GLY A 165 4.16 -20.31 1.10
N LEU A 166 5.00 -19.58 1.84
CA LEU A 166 5.08 -18.10 1.66
C LEU A 166 5.84 -17.79 0.36
N LYS A 167 7.09 -18.24 0.24
CA LYS A 167 7.94 -18.08 -0.98
C LYS A 167 7.11 -18.54 -2.19
N THR A 168 6.37 -19.64 -2.07
CA THR A 168 5.56 -20.23 -3.17
C THR A 168 4.57 -19.21 -3.72
N VAL A 169 3.81 -18.53 -2.86
CA VAL A 169 2.84 -17.46 -3.25
C VAL A 169 3.47 -16.55 -4.31
N PHE A 170 4.67 -16.06 -4.07
CA PHE A 170 5.30 -14.99 -4.89
C PHE A 170 5.93 -15.64 -6.14
N ASP A 171 6.44 -16.86 -6.02
CA ASP A 171 6.91 -17.66 -7.18
C ASP A 171 5.77 -17.80 -8.18
N GLU A 172 4.57 -18.11 -7.70
CA GLU A 172 3.42 -18.42 -8.56
C GLU A 172 2.89 -17.14 -9.18
N ALA A 173 2.84 -16.03 -8.41
CA ALA A 173 2.50 -14.68 -8.92
C ALA A 173 3.34 -14.37 -10.18
N ILE A 174 4.64 -14.65 -10.11
CA ILE A 174 5.62 -14.43 -11.20
C ILE A 174 5.28 -15.38 -12.36
N ARG A 175 5.15 -16.68 -12.08
CA ARG A 175 4.83 -17.73 -13.08
C ARG A 175 3.51 -17.40 -13.79
N ALA A 176 2.57 -16.74 -13.11
CA ALA A 176 1.24 -16.37 -13.65
C ALA A 176 1.37 -15.28 -14.71
N VAL A 177 2.56 -14.68 -14.83
CA VAL A 177 2.85 -13.54 -15.77
C VAL A 177 3.84 -13.97 -16.87
N LEU A 178 4.71 -14.95 -16.62
CA LEU A 178 5.77 -15.40 -17.57
C LEU A 178 5.15 -16.12 -18.78
N ARG B 3 6.77 0.54 25.73
CA ARG B 3 7.63 -0.14 24.70
C ARG B 3 6.94 -0.11 23.32
N LYS B 4 5.64 -0.40 23.23
CA LYS B 4 4.95 -0.43 21.92
C LYS B 4 4.82 1.00 21.39
N LYS B 5 4.40 1.94 22.24
CA LYS B 5 4.20 3.38 21.88
C LYS B 5 5.51 3.95 21.31
N GLU B 6 6.64 3.48 21.79
CA GLU B 6 7.97 3.96 21.33
C GLU B 6 8.30 3.35 19.95
N PHE B 7 7.95 2.09 19.70
CA PHE B 7 8.16 1.44 18.38
C PHE B 7 7.31 2.20 17.34
N ILE B 8 6.05 2.47 17.64
CA ILE B 8 5.12 3.12 16.68
C ILE B 8 5.64 4.51 16.31
N MET B 9 6.02 5.31 17.30
CA MET B 9 6.49 6.68 17.08
C MET B 9 7.76 6.62 16.24
N ALA B 10 8.60 5.61 16.43
CA ALA B 10 9.88 5.45 15.72
C ALA B 10 9.59 5.22 14.24
N GLU B 11 8.64 4.33 13.96
CA GLU B 11 8.19 4.01 12.57
C GLU B 11 7.58 5.27 11.96
N LEU B 12 6.72 5.96 12.69
CA LEU B 12 6.12 7.24 12.23
C LEU B 12 7.20 8.20 11.73
N LEU B 13 8.19 8.53 12.56
CA LEU B 13 9.30 9.44 12.18
C LEU B 13 10.10 8.80 11.04
N GLN B 14 10.42 7.50 11.12
CA GLN B 14 11.33 6.88 10.12
C GLN B 14 10.65 6.90 8.76
N THR B 15 9.39 6.50 8.70
CA THR B 15 8.62 6.48 7.43
C THR B 15 8.36 7.90 6.91
N GLU B 16 8.34 8.89 7.79
CA GLU B 16 8.11 10.28 7.40
C GLU B 16 9.38 10.71 6.65
N LYS B 17 10.54 10.40 7.21
CA LYS B 17 11.82 10.74 6.60
C LYS B 17 11.90 10.14 5.21
N ALA B 18 11.52 8.88 5.08
CA ALA B 18 11.59 8.14 3.80
C ALA B 18 10.60 8.78 2.83
N TYR B 19 9.41 9.15 3.30
CA TYR B 19 8.38 9.81 2.47
C TYR B 19 8.92 11.14 1.90
N VAL B 20 9.60 11.90 2.74
CA VAL B 20 10.20 13.19 2.34
C VAL B 20 11.33 12.90 1.35
N ARG B 21 12.17 11.92 1.63
CA ARG B 21 13.24 11.51 0.70
C ARG B 21 12.61 11.11 -0.63
N ASP B 22 11.56 10.28 -0.61
CA ASP B 22 10.92 9.75 -1.85
C ASP B 22 10.34 10.90 -2.68
N LEU B 23 9.60 11.83 -2.07
CA LEU B 23 9.00 12.97 -2.81
C LEU B 23 10.13 13.81 -3.41
N HIS B 24 11.16 14.07 -2.61
CA HIS B 24 12.34 14.86 -3.06
C HIS B 24 12.92 14.20 -4.31
N GLU B 25 13.14 12.89 -4.26
CA GLU B 25 13.71 12.09 -5.38
C GLU B 25 12.84 12.28 -6.61
N CYS B 26 11.54 12.24 -6.39
CA CYS B 26 10.55 12.36 -7.47
C CYS B 26 10.66 13.73 -8.16
N LEU B 27 10.79 14.80 -7.37
CA LEU B 27 10.78 16.19 -7.87
C LEU B 27 12.10 16.46 -8.59
N GLU B 28 13.20 15.89 -8.13
CA GLU B 28 14.54 16.28 -8.65
C GLU B 28 15.02 15.34 -9.75
N THR B 29 14.30 14.26 -10.04
CA THR B 29 14.54 13.43 -11.24
C THR B 29 13.37 13.65 -12.19
N TYR B 30 12.25 12.98 -11.96
CA TYR B 30 11.16 12.91 -12.95
C TYR B 30 10.70 14.33 -13.27
N LEU B 31 10.46 15.20 -12.28
CA LEU B 31 9.90 16.55 -12.56
C LEU B 31 11.00 17.44 -13.16
N TRP B 32 12.23 17.31 -12.67
CA TRP B 32 13.33 18.21 -13.07
C TRP B 32 13.63 18.03 -14.56
N GLU B 33 13.67 16.79 -15.03
CA GLU B 33 13.94 16.44 -16.45
C GLU B 33 12.90 17.10 -17.36
N MET B 34 11.69 17.39 -16.88
CA MET B 34 10.60 18.02 -17.68
C MET B 34 10.73 19.55 -17.68
N THR B 35 11.16 20.14 -16.58
CA THR B 35 11.17 21.60 -16.37
C THR B 35 12.56 22.13 -16.68
N SER B 36 13.55 21.23 -16.72
CA SER B 36 14.99 21.52 -16.84
C SER B 36 15.19 22.27 -18.14
N GLY B 37 14.85 21.60 -19.25
CA GLY B 37 15.28 21.92 -20.63
C GLY B 37 16.56 21.19 -20.99
N VAL B 38 16.74 19.97 -20.49
CA VAL B 38 17.97 19.15 -20.73
C VAL B 38 17.66 18.04 -21.74
N GLU B 39 16.39 17.69 -21.94
CA GLU B 39 15.95 16.46 -22.66
C GLU B 39 14.70 16.77 -23.49
N GLU B 40 14.48 16.02 -24.58
CA GLU B 40 13.32 16.20 -25.51
C GLU B 40 12.06 15.63 -24.86
N ILE B 41 11.09 16.50 -24.57
CA ILE B 41 9.78 16.17 -23.92
C ILE B 41 8.76 15.78 -24.98
N PRO B 42 8.27 14.53 -25.03
CA PRO B 42 7.14 14.19 -25.90
C PRO B 42 6.10 15.29 -26.01
N PRO B 43 5.69 15.71 -27.21
CA PRO B 43 4.62 16.70 -27.35
C PRO B 43 3.35 16.33 -26.57
N GLY B 44 3.14 15.04 -26.27
CA GLY B 44 1.98 14.52 -25.54
C GLY B 44 1.86 15.08 -24.11
N ILE B 45 2.97 15.44 -23.47
CA ILE B 45 3.05 15.78 -22.02
C ILE B 45 3.62 17.18 -21.78
N LEU B 46 3.91 17.93 -22.84
CA LEU B 46 4.69 19.19 -22.78
C LEU B 46 3.85 20.25 -22.06
N ASN B 47 4.45 20.94 -21.07
CA ASN B 47 3.77 22.00 -20.27
C ASN B 47 2.57 21.40 -19.53
N LYS B 48 2.56 20.08 -19.31
CA LYS B 48 1.46 19.38 -18.58
C LYS B 48 1.99 18.77 -17.25
N GLU B 49 3.24 19.07 -16.88
CA GLU B 49 3.87 18.61 -15.61
C GLU B 49 2.88 18.83 -14.46
N HIS B 50 2.07 19.88 -14.55
CA HIS B 50 1.02 20.21 -13.56
C HIS B 50 -0.03 19.09 -13.45
N ILE B 51 -0.39 18.45 -14.56
CA ILE B 51 -1.38 17.33 -14.58
C ILE B 51 -0.69 16.07 -14.04
N ILE B 52 0.57 15.86 -14.41
CA ILE B 52 1.33 14.64 -14.05
C ILE B 52 1.57 14.61 -12.53
N PHE B 53 2.13 15.67 -11.98
CA PHE B 53 2.64 15.72 -10.59
C PHE B 53 1.61 16.37 -9.68
N GLY B 54 0.52 16.93 -10.21
CA GLY B 54 -0.50 17.60 -9.41
C GLY B 54 0.14 18.60 -8.46
N ASN B 55 -0.28 18.62 -7.18
CA ASN B 55 0.26 19.58 -6.18
C ASN B 55 1.33 18.92 -5.32
N ILE B 56 2.08 17.97 -5.86
CA ILE B 56 3.01 17.14 -5.03
C ILE B 56 4.16 18.00 -4.54
N GLN B 57 4.56 19.00 -5.31
CA GLN B 57 5.53 20.02 -4.86
C GLN B 57 5.09 20.58 -3.51
N GLU B 58 3.85 21.03 -3.40
CA GLU B 58 3.32 21.73 -2.21
C GLU B 58 3.20 20.74 -1.04
N ILE B 59 2.83 19.49 -1.32
CA ILE B 59 2.79 18.42 -0.28
C ILE B 59 4.20 18.19 0.26
N TYR B 60 5.20 18.02 -0.62
CA TYR B 60 6.62 17.90 -0.21
C TYR B 60 7.06 19.11 0.63
N ASP B 61 6.67 20.31 0.24
CA ASP B 61 7.09 21.54 0.97
C ASP B 61 6.52 21.49 2.41
N PHE B 62 5.29 21.00 2.55
CA PHE B 62 4.59 20.87 3.85
C PHE B 62 5.41 19.94 4.77
N HIS B 63 5.63 18.72 4.30
CA HIS B 63 6.33 17.65 5.05
C HIS B 63 7.78 18.04 5.30
N ASN B 64 8.44 18.65 4.30
CA ASN B 64 9.89 18.98 4.37
C ASN B 64 10.12 20.24 5.18
N ASN B 65 9.22 21.23 5.13
CA ASN B 65 9.44 22.54 5.80
C ASN B 65 8.90 22.50 7.22
N ILE B 66 7.74 21.86 7.42
CA ILE B 66 6.96 21.91 8.68
C ILE B 66 6.83 20.53 9.33
N PHE B 67 6.15 19.61 8.67
CA PHE B 67 5.44 18.52 9.38
C PHE B 67 6.45 17.56 10.03
N LEU B 68 7.52 17.21 9.31
CA LEU B 68 8.58 16.33 9.83
C LEU B 68 9.27 17.02 11.00
N LYS B 69 9.61 18.32 10.90
CA LYS B 69 10.21 19.09 12.04
C LYS B 69 9.29 18.98 13.27
N GLU B 70 7.98 19.11 13.08
CA GLU B 70 7.00 19.11 14.21
C GLU B 70 6.81 17.68 14.75
N LEU B 71 6.80 16.66 13.89
CA LEU B 71 6.68 15.26 14.36
C LEU B 71 7.90 14.96 15.23
N GLU B 72 9.09 15.38 14.80
CA GLU B 72 10.35 15.16 15.55
C GLU B 72 10.14 15.68 16.97
N LYS B 73 9.47 16.82 17.11
CA LYS B 73 9.30 17.51 18.42
C LYS B 73 8.44 16.63 19.35
N TYR B 74 7.58 15.76 18.80
CA TYR B 74 6.70 14.85 19.58
C TYR B 74 7.38 13.49 19.79
N GLU B 75 8.69 13.36 19.55
CA GLU B 75 9.33 12.02 19.60
C GLU B 75 9.21 11.42 21.01
N GLN B 76 9.43 12.22 22.06
CA GLN B 76 9.37 11.77 23.46
C GLN B 76 7.94 11.95 24.02
N LEU B 77 6.97 12.27 23.17
CA LEU B 77 5.58 12.58 23.59
C LEU B 77 4.61 11.86 22.69
N PRO B 78 4.81 10.55 22.43
CA PRO B 78 3.93 9.83 21.49
C PRO B 78 2.44 9.91 21.83
N GLU B 79 2.07 9.99 23.11
CA GLU B 79 0.64 9.97 23.54
C GLU B 79 -0.05 11.30 23.14
N ASP B 80 0.74 12.33 22.83
CA ASP B 80 0.29 13.68 22.44
C ASP B 80 0.31 13.89 20.92
N VAL B 81 0.77 12.94 20.11
CA VAL B 81 1.14 13.27 18.70
C VAL B 81 -0.13 13.53 17.90
N GLY B 82 -1.27 13.09 18.38
CA GLY B 82 -2.56 13.36 17.70
C GLY B 82 -2.72 14.85 17.42
N HIS B 83 -2.18 15.68 18.32
CA HIS B 83 -2.30 17.16 18.31
C HIS B 83 -1.48 17.73 17.15
N CYS B 84 -0.40 17.06 16.75
CA CYS B 84 0.37 17.45 15.56
C CYS B 84 -0.54 17.45 14.34
N PHE B 85 -1.41 16.46 14.25
CA PHE B 85 -2.34 16.30 13.12
C PHE B 85 -3.45 17.35 13.23
N VAL B 86 -3.81 17.74 14.45
CA VAL B 86 -4.87 18.76 14.66
C VAL B 86 -4.31 20.13 14.27
N THR B 87 -3.17 20.51 14.84
CA THR B 87 -2.45 21.76 14.48
C THR B 87 -2.41 21.96 12.96
N TRP B 88 -2.12 20.90 12.19
CA TRP B 88 -1.74 21.00 10.76
C TRP B 88 -2.84 20.43 9.85
N ALA B 89 -4.06 20.32 10.37
CA ALA B 89 -5.22 19.72 9.64
C ALA B 89 -5.39 20.38 8.26
N ASP B 90 -5.39 21.71 8.19
CA ASP B 90 -5.72 22.42 6.93
C ASP B 90 -4.75 21.97 5.84
N LYS B 91 -3.46 21.84 6.18
CA LYS B 91 -2.38 21.44 5.23
C LYS B 91 -2.73 20.13 4.51
N PHE B 92 -3.36 19.18 5.20
CA PHE B 92 -3.67 17.83 4.64
C PHE B 92 -4.75 17.90 3.58
N GLN B 93 -5.49 19.01 3.51
CA GLN B 93 -6.55 19.18 2.48
C GLN B 93 -5.87 19.08 1.10
N MET B 94 -4.57 19.35 0.96
CA MET B 94 -3.93 19.27 -0.37
C MET B 94 -3.92 17.83 -0.87
N TYR B 95 -4.05 16.84 0.00
CA TYR B 95 -4.15 15.44 -0.44
C TYR B 95 -5.47 15.24 -1.19
N VAL B 96 -6.50 16.00 -0.83
CA VAL B 96 -7.80 15.96 -1.56
C VAL B 96 -7.53 16.35 -3.02
N THR B 97 -6.93 17.53 -3.21
CA THR B 97 -6.54 18.01 -4.55
C THR B 97 -5.73 16.92 -5.26
N TYR B 98 -4.74 16.36 -4.58
CA TYR B 98 -3.73 15.46 -5.20
C TYR B 98 -4.46 14.23 -5.74
N CYS B 99 -5.37 13.69 -4.92
CA CYS B 99 -6.11 12.43 -5.19
C CYS B 99 -7.07 12.62 -6.36
N LYS B 100 -7.83 13.71 -6.40
CA LYS B 100 -8.70 14.13 -7.54
C LYS B 100 -7.90 14.02 -8.84
N ASN B 101 -6.65 14.50 -8.85
CA ASN B 101 -5.87 14.63 -10.10
C ASN B 101 -5.19 13.33 -10.51
N LYS B 102 -5.16 12.29 -9.65
CA LYS B 102 -4.28 11.10 -9.88
C LYS B 102 -4.74 10.35 -11.12
N PRO B 103 -6.06 10.12 -11.34
CA PRO B 103 -6.50 9.45 -12.56
C PRO B 103 -6.00 10.15 -13.83
N ASP B 104 -6.29 11.45 -13.97
CA ASP B 104 -5.83 12.30 -15.09
C ASP B 104 -4.30 12.15 -15.21
N SER B 105 -3.58 12.21 -14.09
CA SER B 105 -2.10 12.03 -14.10
C SER B 105 -1.77 10.72 -14.78
N ASN B 106 -2.43 9.64 -14.37
CA ASN B 106 -2.04 8.26 -14.78
C ASN B 106 -2.35 8.07 -16.28
N GLN B 107 -3.51 8.50 -16.73
CA GLN B 107 -3.92 8.40 -18.17
C GLN B 107 -2.92 9.16 -19.04
N LEU B 108 -2.69 10.45 -18.75
CA LEU B 108 -1.71 11.30 -19.48
C LEU B 108 -0.39 10.55 -19.64
N ILE B 109 0.14 9.97 -18.56
CA ILE B 109 1.44 9.21 -18.61
C ILE B 109 1.26 8.00 -19.51
N LEU B 110 0.13 7.29 -19.39
CA LEU B 110 -0.17 6.12 -20.25
C LEU B 110 -0.20 6.55 -21.71
N GLU B 111 -1.17 7.38 -22.08
CA GLU B 111 -1.54 7.70 -23.47
C GLU B 111 -0.44 8.49 -24.20
N HIS B 112 0.44 9.21 -23.50
CA HIS B 112 1.18 10.36 -24.11
C HIS B 112 2.66 10.49 -23.75
N ALA B 113 3.21 9.67 -22.86
CA ALA B 113 4.60 9.85 -22.36
C ALA B 113 5.52 8.77 -22.93
N GLY B 114 4.92 7.78 -23.60
CA GLY B 114 5.66 6.60 -24.06
C GLY B 114 6.62 6.21 -22.98
N THR B 115 7.93 6.27 -23.22
CA THR B 115 8.95 5.75 -22.29
C THR B 115 9.83 6.91 -21.82
N PHE B 116 9.31 8.13 -21.87
CA PHE B 116 10.07 9.34 -21.44
C PHE B 116 10.60 9.05 -20.04
N PHE B 117 9.67 8.79 -19.11
CA PHE B 117 9.93 8.58 -17.66
C PHE B 117 10.66 7.26 -17.41
N ASP B 118 10.33 6.20 -18.16
CA ASP B 118 11.09 4.92 -18.13
C ASP B 118 12.56 5.21 -18.46
N GLU B 119 12.81 6.08 -19.44
CA GLU B 119 14.18 6.46 -19.87
C GLU B 119 14.90 7.11 -18.67
N ILE B 120 14.27 8.10 -18.02
CA ILE B 120 14.86 8.81 -16.85
C ILE B 120 15.17 7.81 -15.73
N GLN B 121 14.29 6.84 -15.52
CA GLN B 121 14.43 5.85 -14.42
C GLN B 121 15.71 5.03 -14.62
N GLN B 122 15.88 4.46 -15.83
CA GLN B 122 17.08 3.68 -16.22
C GLN B 122 18.31 4.57 -16.01
N ARG B 123 18.29 5.76 -16.61
CA ARG B 123 19.40 6.75 -16.60
C ARG B 123 19.81 7.06 -15.14
N HIS B 124 18.85 7.32 -14.24
CA HIS B 124 19.12 7.72 -12.83
C HIS B 124 19.30 6.49 -11.91
N GLY B 125 18.92 5.28 -12.34
CA GLY B 125 19.15 4.03 -11.60
C GLY B 125 18.12 3.77 -10.51
N LEU B 126 16.91 4.29 -10.68
CA LEU B 126 15.82 4.25 -9.65
C LEU B 126 15.09 2.90 -9.70
N ALA B 127 14.98 2.25 -8.54
CA ALA B 127 14.11 1.08 -8.30
C ALA B 127 12.63 1.46 -8.49
N ASN B 128 12.25 2.72 -8.23
CA ASN B 128 10.83 3.12 -8.28
C ASN B 128 10.52 3.89 -9.57
N SER B 129 9.45 3.51 -10.24
CA SER B 129 8.95 4.14 -11.47
C SER B 129 8.35 5.47 -11.07
N ILE B 130 8.04 6.31 -12.05
CA ILE B 130 7.27 7.53 -11.72
C ILE B 130 5.93 7.11 -11.12
N SER B 131 5.33 6.01 -11.58
CA SER B 131 4.03 5.52 -11.05
C SER B 131 4.15 5.16 -9.56
N SER B 132 5.23 4.47 -9.19
CA SER B 132 5.57 4.11 -7.79
C SER B 132 5.64 5.39 -6.94
N TYR B 133 6.32 6.42 -7.45
CA TYR B 133 6.48 7.67 -6.68
C TYR B 133 5.10 8.33 -6.55
N LEU B 134 4.29 8.36 -7.61
CA LEU B 134 3.07 9.21 -7.61
C LEU B 134 1.94 8.54 -6.82
N ILE B 135 2.01 7.23 -6.52
CA ILE B 135 1.01 6.58 -5.63
C ILE B 135 1.31 6.94 -4.15
N LYS B 136 2.56 7.27 -3.83
CA LYS B 136 3.05 7.39 -2.41
C LYS B 136 2.23 8.39 -1.60
N PRO B 137 1.83 9.58 -2.11
CA PRO B 137 0.98 10.46 -1.33
C PRO B 137 -0.34 9.81 -0.95
N VAL B 138 -0.92 9.03 -1.85
CA VAL B 138 -2.17 8.28 -1.59
C VAL B 138 -1.87 7.26 -0.49
N GLN B 139 -0.72 6.61 -0.54
CA GLN B 139 -0.38 5.59 0.47
C GLN B 139 -0.25 6.30 1.83
N ARG B 140 0.57 7.34 1.86
CA ARG B 140 0.95 8.05 3.11
C ARG B 140 -0.31 8.55 3.82
N VAL B 141 -1.29 9.07 3.07
CA VAL B 141 -2.44 9.81 3.67
C VAL B 141 -3.43 8.83 4.29
N THR B 142 -3.30 7.55 3.95
CA THR B 142 -4.18 6.47 4.46
C THR B 142 -3.43 5.63 5.49
N LYS B 143 -2.16 5.96 5.76
CA LYS B 143 -1.31 5.22 6.72
C LYS B 143 -1.23 5.91 8.09
N TYR B 144 -1.28 7.23 8.13
CA TYR B 144 -1.28 7.99 9.42
C TYR B 144 -2.39 7.47 10.35
N GLN B 145 -3.57 7.17 9.81
CA GLN B 145 -4.72 6.69 10.61
C GLN B 145 -4.36 5.32 11.25
N LEU B 146 -3.65 4.43 10.54
CA LEU B 146 -3.17 3.12 11.10
C LEU B 146 -2.23 3.34 12.31
N LEU B 147 -1.25 4.23 12.16
CA LEU B 147 -0.25 4.51 13.21
C LEU B 147 -0.97 5.09 14.43
N LEU B 148 -1.93 6.00 14.24
CA LEU B 148 -2.66 6.63 15.35
C LEU B 148 -3.49 5.56 16.07
N LYS B 149 -4.14 4.67 15.31
CA LYS B 149 -4.95 3.56 15.89
C LYS B 149 -4.04 2.64 16.73
N GLU B 150 -2.85 2.31 16.25
CA GLU B 150 -1.86 1.51 17.00
C GLU B 150 -1.51 2.20 18.32
N LEU B 151 -1.28 3.52 18.30
CA LEU B 151 -0.99 4.29 19.56
C LEU B 151 -2.20 4.21 20.49
N LEU B 152 -3.41 4.24 19.96
CA LEU B 152 -4.63 4.20 20.81
C LEU B 152 -4.73 2.85 21.54
N THR B 153 -4.11 1.79 21.04
CA THR B 153 -4.13 0.45 21.69
C THR B 153 -3.13 0.37 22.83
N CYS B 154 -2.22 1.33 23.00
CA CYS B 154 -1.13 1.20 24.01
C CYS B 154 -0.83 2.54 24.72
N CYS B 155 -1.78 3.49 24.73
CA CYS B 155 -1.67 4.79 25.44
C CYS B 155 -2.87 4.90 26.40
N GLU B 156 -2.70 5.52 27.58
CA GLU B 156 -3.73 5.64 28.66
C GLU B 156 -4.93 6.45 28.14
N GLU B 157 -5.75 7.00 29.04
CA GLU B 157 -6.90 7.89 28.68
C GLU B 157 -6.47 9.37 28.72
N GLY B 158 -5.19 9.66 29.02
CA GLY B 158 -4.47 10.82 28.45
C GLY B 158 -4.25 10.59 26.97
N LYS B 159 -5.35 10.38 26.22
CA LYS B 159 -5.36 9.89 24.81
C LYS B 159 -6.62 10.42 24.08
N GLY B 160 -7.03 11.66 24.38
CA GLY B 160 -7.87 12.51 23.50
C GLY B 160 -6.98 13.34 22.58
N GLU B 161 -5.69 13.46 22.96
CA GLU B 161 -4.55 13.91 22.11
C GLU B 161 -4.07 12.78 21.20
N LEU B 162 -4.98 11.87 20.84
CA LEU B 162 -4.85 10.86 19.76
C LEU B 162 -6.18 10.82 19.02
N LYS B 163 -7.26 10.57 19.76
CA LYS B 163 -8.68 10.64 19.31
C LYS B 163 -8.87 11.71 18.23
N ASP B 164 -8.58 12.97 18.55
CA ASP B 164 -8.91 14.11 17.66
C ASP B 164 -7.96 14.12 16.45
N GLY B 165 -6.72 13.69 16.64
CA GLY B 165 -5.77 13.47 15.54
C GLY B 165 -6.29 12.41 14.59
N LEU B 166 -6.73 11.29 15.14
CA LEU B 166 -7.23 10.15 14.32
C LEU B 166 -8.43 10.62 13.52
N GLU B 167 -9.37 11.33 14.17
CA GLU B 167 -10.55 11.97 13.54
C GLU B 167 -10.12 12.70 12.27
N VAL B 168 -9.21 13.67 12.40
CA VAL B 168 -8.64 14.45 11.27
C VAL B 168 -8.17 13.46 10.20
N MET B 169 -7.32 12.49 10.58
CA MET B 169 -6.64 11.59 9.60
C MET B 169 -7.59 10.48 9.12
N LEU B 170 -8.82 10.47 9.62
CA LEU B 170 -9.89 9.65 9.01
C LEU B 170 -10.69 10.55 8.07
N SER B 171 -10.83 11.82 8.44
CA SER B 171 -11.64 12.84 7.69
C SER B 171 -10.99 13.16 6.34
N VAL B 172 -9.66 13.34 6.30
CA VAL B 172 -8.85 13.73 5.10
C VAL B 172 -8.96 12.66 4.00
N PRO B 173 -8.56 11.39 4.23
CA PRO B 173 -8.72 10.35 3.19
C PRO B 173 -10.19 10.14 2.79
N LYS B 174 -11.14 10.25 3.72
CA LYS B 174 -12.58 10.11 3.39
C LYS B 174 -13.00 11.26 2.47
N LYS B 175 -12.57 12.47 2.79
CA LYS B 175 -12.88 13.66 1.95
C LYS B 175 -12.17 13.52 0.61
N ALA B 176 -10.96 12.96 0.57
CA ALA B 176 -10.22 12.70 -0.68
C ALA B 176 -11.02 11.70 -1.51
N ASN B 177 -11.43 10.62 -0.86
CA ASN B 177 -12.11 9.47 -1.48
C ASN B 177 -13.42 9.96 -2.08
N ASP B 178 -14.13 10.80 -1.34
CA ASP B 178 -15.48 11.31 -1.69
C ASP B 178 -15.36 12.32 -2.82
N ALA B 179 -14.18 12.90 -3.04
CA ALA B 179 -13.91 13.92 -4.08
C ALA B 179 -13.62 13.28 -5.44
N MET B 180 -13.57 11.94 -5.54
CA MET B 180 -13.22 11.24 -6.81
C MET B 180 -14.49 11.10 -7.66
N HIS B 181 -14.36 10.90 -8.99
CA HIS B 181 -15.47 10.91 -9.99
C HIS B 181 -16.48 9.80 -9.66
C1 EDO C . -4.88 -30.58 8.42
O1 EDO C . -5.96 -29.69 8.69
C2 EDO C . -4.84 -31.71 9.37
O2 EDO C . -5.09 -31.28 10.71
N1 N5S D . 0.22 -15.86 11.02
C4 N5S D . 1.09 -14.11 16.76
C5 N5S D . -0.27 -14.37 16.72
C6 N5S D . -0.70 -14.73 15.25
C7 N5S D . 0.42 -15.60 14.65
C8 N5S D . 0.23 -15.17 12.25
C10 N5S D . 0.13 -13.77 9.55
C13 N5S D . -0.53 -15.70 17.70
N N5S D . 0.25 -16.06 13.32
C N5S D . 3.65 -15.87 17.66
O N5S D . 1.73 -15.10 17.36
C1 N5S D . 2.93 -14.79 17.26
C11 N5S D . 0.10 -13.71 8.19
C12 N5S D . 0.11 -12.66 7.23
C2 N5S D . 3.17 -13.60 16.67
C3 N5S D . 1.89 -13.14 16.32
C9 N5S D . 0.20 -15.20 9.84
F N5S D . -1.84 -15.99 17.72
F1 N5S D . 0.21 -16.86 17.38
F2 N5S D . -0.22 -15.56 19.00
N2 N5S D . 0.21 -15.90 8.68
O1 N5S D . -0.69 -13.18 17.30
O2 N5S D . 0.16 -13.92 12.40
O3 N5S D . 0.13 -15.00 7.67
#